data_5JF1
#
_entry.id   5JF1
#
_cell.length_a   40.840
_cell.length_b   66.160
_cell.length_c   88.860
_cell.angle_alpha   90.00
_cell.angle_beta   90.00
_cell.angle_gamma   90.00
#
_symmetry.space_group_name_H-M   'P 21 21 21'
#
loop_
_entity.id
_entity.type
_entity.pdbx_description
1 polymer 'Peptide deformylase'
2 non-polymer ACTINONIN
3 non-polymer 'ACETATE ION'
4 non-polymer 'ZINC ION'
5 water water
#
_entity_poly.entity_id   1
_entity_poly.type   'polypeptide(L)'
_entity_poly.pdbx_seq_one_letter_code
;MAAIDKLVKASHLIDMNDIIREGNPTLRKVAEEVTFPLSEKEEILGEKMMQFLKHSQDPIMAEKLGLRGGVGLAAPQLDI
SKRIIAVLVPNVEDAQGNPPKEAYSLQEVMYNPKVVSHSVQDAALSDGEG(OCS)LSVDREVPGYVVRHARVTIEYFDKT
GEKHRLKLKGYNSIVVQHEIDHIDGIMFYDRINEKNPFAVKEGLLILE
;
_entity_poly.pdbx_strand_id   A
#
loop_
_chem_comp.id
_chem_comp.type
_chem_comp.name
_chem_comp.formula
ACT non-polymer 'ACETATE ION' 'C2 H3 O2 -1'
BB2 non-polymer ACTINONIN 'C19 H35 N3 O5'
ZN non-polymer 'ZINC ION' 'Zn 2'
#
# COMPACT_ATOMS: atom_id res chain seq x y z
N ALA A 2 -7.41 6.58 22.02
CA ALA A 2 -7.53 5.41 21.07
C ALA A 2 -6.28 5.48 20.20
N ALA A 3 -6.15 4.59 19.27
CA ALA A 3 -4.96 4.54 18.48
C ALA A 3 -4.80 5.83 17.66
N ILE A 4 -5.91 6.30 17.09
CA ILE A 4 -5.96 7.44 16.22
C ILE A 4 -5.47 8.69 16.90
N ASP A 5 -5.89 8.91 18.12
CA ASP A 5 -5.47 10.06 18.91
C ASP A 5 -3.91 10.10 19.08
N LYS A 6 -3.29 8.99 19.42
CA LYS A 6 -1.83 8.83 19.45
C LYS A 6 -1.14 9.27 18.08
N LEU A 7 -1.71 8.77 16.99
CA LEU A 7 -1.14 8.94 15.67
C LEU A 7 -1.27 10.31 15.10
N VAL A 8 -2.33 11.03 15.47
CA VAL A 8 -2.54 12.36 14.92
C VAL A 8 -1.99 13.52 15.72
N LYS A 9 -1.43 13.29 16.93
CA LYS A 9 -0.65 14.34 17.65
C LYS A 9 0.33 14.98 16.72
N ALA A 10 0.35 16.32 16.73
CA ALA A 10 1.18 17.08 15.81
C ALA A 10 2.64 16.64 15.77
N SER A 11 3.24 16.40 16.93
CA SER A 11 4.66 16.09 16.89
C SER A 11 4.91 14.56 16.61
N HIS A 12 3.88 13.73 16.46
CA HIS A 12 4.11 12.30 16.43
C HIS A 12 4.50 11.88 15.02
N LEU A 13 5.58 11.15 14.89
CA LEU A 13 5.97 10.57 13.62
C LEU A 13 5.70 9.10 13.63
N ILE A 14 4.93 8.63 12.68
CA ILE A 14 4.70 7.20 12.56
C ILE A 14 6.04 6.40 12.33
N ASP A 15 6.21 5.35 13.11
CA ASP A 15 7.38 4.46 13.01
C ASP A 15 6.87 3.00 13.11
N MET A 16 7.81 2.05 13.14
CA MET A 16 7.48 0.64 13.07
C MET A 16 6.74 0.21 14.31
N ASN A 17 6.89 0.94 15.42
CA ASN A 17 6.16 0.55 16.60
C ASN A 17 4.69 0.89 16.57
N ASP A 18 4.28 1.67 15.59
CA ASP A 18 2.88 1.90 15.36
C ASP A 18 2.17 0.84 14.44
N ILE A 19 2.95 -0.03 13.81
CA ILE A 19 2.50 -0.93 12.84
C ILE A 19 2.21 -2.26 13.51
N ILE A 20 0.98 -2.73 13.35
CA ILE A 20 0.61 -3.91 14.00
C ILE A 20 1.11 -5.08 13.14
N ARG A 21 1.16 -6.22 13.77
CA ARG A 21 1.70 -7.39 13.18
C ARG A 21 0.72 -8.50 12.97
N GLU A 22 1.11 -9.33 12.01
CA GLU A 22 0.49 -10.58 11.69
C GLU A 22 -0.12 -11.23 12.89
N GLY A 23 -1.39 -11.54 12.87
CA GLY A 23 -1.97 -12.11 14.01
C GLY A 23 -2.90 -11.14 14.71
N ASN A 24 -2.63 -9.86 14.62
CA ASN A 24 -3.62 -8.93 15.14
C ASN A 24 -4.92 -8.97 14.33
N PRO A 25 -6.06 -9.11 15.02
CA PRO A 25 -7.31 -9.27 14.28
C PRO A 25 -7.70 -8.14 13.36
N THR A 26 -7.29 -6.92 13.64
CA THR A 26 -7.66 -5.77 12.80
C THR A 26 -7.26 -5.96 11.33
N LEU A 27 -6.19 -6.71 11.07
CA LEU A 27 -5.68 -7.04 9.74
C LEU A 27 -6.61 -7.94 8.94
N ARG A 28 -7.53 -8.62 9.57
CA ARG A 28 -8.47 -9.40 8.95
C ARG A 28 -9.93 -8.86 8.85
N LYS A 29 -10.20 -7.63 9.33
CA LYS A 29 -11.52 -7.05 9.26
C LYS A 29 -11.73 -6.47 7.91
N VAL A 30 -13.00 -6.27 7.54
CA VAL A 30 -13.33 -5.32 6.48
C VAL A 30 -13.38 -3.89 7.03
N ALA A 31 -12.47 -3.04 6.63
CA ALA A 31 -12.42 -1.61 7.04
C ALA A 31 -13.66 -0.87 6.65
N GLU A 32 -14.02 0.06 7.54
CA GLU A 32 -15.21 0.88 7.35
C GLU A 32 -14.94 2.05 6.36
N GLU A 33 -15.93 2.42 5.55
CA GLU A 33 -15.88 3.49 4.67
C GLU A 33 -15.77 4.77 5.41
N VAL A 34 -15.01 5.76 4.86
CA VAL A 34 -14.94 7.08 5.56
C VAL A 34 -16.12 7.89 4.95
N THR A 35 -16.66 8.82 5.73
CA THR A 35 -17.68 9.82 5.24
C THR A 35 -17.08 11.19 5.05
N PHE A 36 -17.53 11.85 4.00
CA PHE A 36 -17.16 13.22 3.67
C PHE A 36 -18.27 14.18 4.19
N PRO A 37 -17.91 15.41 4.61
CA PRO A 37 -16.54 15.91 4.68
C PRO A 37 -15.70 15.14 5.73
N LEU A 38 -14.42 14.94 5.45
CA LEU A 38 -13.56 14.19 6.38
C LEU A 38 -13.44 14.92 7.75
N SER A 39 -13.55 14.23 8.84
CA SER A 39 -12.96 14.74 10.09
C SER A 39 -11.48 15.13 10.03
N GLU A 40 -11.11 16.02 10.98
CA GLU A 40 -9.73 16.48 11.11
C GLU A 40 -8.83 15.27 11.29
N LYS A 41 -9.23 14.29 12.13
CA LYS A 41 -8.39 13.15 12.45
C LYS A 41 -8.15 12.33 11.18
N GLU A 42 -9.16 12.19 10.31
CA GLU A 42 -8.92 11.34 9.15
C GLU A 42 -8.03 11.99 8.10
N GLU A 43 -8.16 13.28 8.02
CA GLU A 43 -7.28 14.05 7.19
C GLU A 43 -5.85 13.98 7.65
N ILE A 44 -5.62 14.18 8.97
CA ILE A 44 -4.33 14.14 9.53
C ILE A 44 -3.68 12.73 9.37
N LEU A 45 -4.45 11.68 9.58
CA LEU A 45 -3.93 10.37 9.47
C LEU A 45 -3.40 10.11 8.08
N GLY A 46 -4.16 10.52 7.09
CA GLY A 46 -3.73 10.31 5.74
C GLY A 46 -2.37 11.05 5.53
N GLU A 47 -2.24 12.24 6.01
CA GLU A 47 -0.97 12.99 5.88
C GLU A 47 0.18 12.36 6.61
N LYS A 48 -0.08 11.85 7.79
CA LYS A 48 0.95 11.17 8.53
C LYS A 48 1.37 9.83 7.83
N MET A 49 0.43 9.16 7.21
CA MET A 49 0.72 7.92 6.45
C MET A 49 1.62 8.20 5.27
N MET A 50 1.31 9.24 4.49
CA MET A 50 2.19 9.64 3.43
C MET A 50 3.59 10.08 4.02
N GLN A 51 3.61 10.80 5.12
CA GLN A 51 4.83 11.17 5.71
C GLN A 51 5.77 9.90 6.06
N PHE A 52 5.15 8.84 6.59
CA PHE A 52 5.82 7.64 6.91
C PHE A 52 6.52 7.03 5.64
N LEU A 53 5.81 7.00 4.54
CA LEU A 53 6.38 6.47 3.31
C LEU A 53 7.50 7.28 2.86
N LYS A 54 7.37 8.58 2.90
CA LYS A 54 8.49 9.45 2.52
C LYS A 54 9.71 9.25 3.38
N HIS A 55 9.50 9.18 4.68
CA HIS A 55 10.52 8.86 5.66
C HIS A 55 11.20 7.53 5.39
N SER A 56 10.37 6.52 5.12
CA SER A 56 10.80 5.21 4.84
C SER A 56 11.66 5.11 3.66
N GLN A 57 11.46 6.01 2.73
CA GLN A 57 12.24 6.03 1.56
C GLN A 57 13.48 6.93 1.65
N ASP A 58 13.64 7.70 2.71
CA ASP A 58 14.66 8.68 2.80
C ASP A 58 15.80 8.04 3.67
N PRO A 59 16.98 7.85 3.13
CA PRO A 59 18.07 7.13 3.89
C PRO A 59 18.39 7.63 5.31
N ILE A 60 18.26 8.92 5.48
CA ILE A 60 18.47 9.54 6.71
C ILE A 60 17.37 9.27 7.69
N MET A 61 16.15 9.66 7.34
CA MET A 61 15.05 9.47 8.25
C MET A 61 14.74 7.99 8.53
N ALA A 62 14.94 7.11 7.52
CA ALA A 62 14.69 5.68 7.68
C ALA A 62 15.60 5.19 8.77
N GLU A 63 16.84 5.67 8.71
CA GLU A 63 17.89 5.30 9.70
C GLU A 63 17.60 5.93 11.12
N LYS A 64 17.29 7.22 11.18
CA LYS A 64 16.88 7.86 12.44
C LYS A 64 15.76 7.15 13.14
N LEU A 65 14.71 6.79 12.37
CA LEU A 65 13.53 6.27 12.93
C LEU A 65 13.46 4.74 12.88
N GLY A 66 14.39 4.07 12.24
CA GLY A 66 14.43 2.58 12.27
C GLY A 66 13.38 1.98 11.31
N LEU A 67 13.25 2.57 10.13
CA LEU A 67 12.10 2.23 9.27
C LEU A 67 12.54 1.25 8.23
N ARG A 68 11.66 0.29 7.95
CA ARG A 68 11.76 -0.57 6.78
C ARG A 68 11.09 0.25 5.60
N GLY A 69 11.76 0.33 4.46
CA GLY A 69 11.32 1.01 3.27
C GLY A 69 10.00 0.38 2.76
N GLY A 70 9.08 1.19 2.36
CA GLY A 70 7.81 0.72 1.84
C GLY A 70 7.32 1.66 0.75
N VAL A 71 6.35 1.21 -0.01
CA VAL A 71 5.73 1.99 -1.09
C VAL A 71 4.26 2.14 -0.95
N GLY A 72 3.70 1.62 0.14
CA GLY A 72 2.33 1.81 0.43
C GLY A 72 2.02 1.41 1.88
N LEU A 73 0.91 1.89 2.41
CA LEU A 73 0.53 1.73 3.79
C LEU A 73 -0.98 1.88 3.87
N ALA A 74 -1.62 1.08 4.70
CA ALA A 74 -3.05 1.09 4.79
C ALA A 74 -3.40 1.34 6.26
N ALA A 75 -4.46 2.06 6.53
CA ALA A 75 -4.87 2.32 7.85
C ALA A 75 -5.02 1.10 8.77
N PRO A 76 -5.51 -0.02 8.29
CA PRO A 76 -5.59 -1.17 9.16
C PRO A 76 -4.25 -1.60 9.75
N GLN A 77 -3.16 -1.30 9.10
CA GLN A 77 -1.84 -1.63 9.61
C GLN A 77 -1.41 -0.80 10.76
N LEU A 78 -2.04 0.32 11.00
CA LEU A 78 -1.85 1.14 12.17
C LEU A 78 -2.98 0.94 13.20
N ASP A 79 -3.72 -0.13 13.08
CA ASP A 79 -4.79 -0.50 14.00
C ASP A 79 -6.08 0.39 13.82
N ILE A 80 -6.33 0.93 12.59
CA ILE A 80 -7.39 1.90 12.41
C ILE A 80 -8.19 1.25 11.29
N SER A 81 -9.40 0.83 11.56
CA SER A 81 -10.17 0.06 10.62
C SER A 81 -10.99 0.98 9.71
N LYS A 82 -10.28 1.76 8.88
CA LYS A 82 -10.86 2.73 7.96
C LYS A 82 -10.29 2.50 6.56
N ARG A 83 -11.04 2.88 5.55
CA ARG A 83 -10.71 2.63 4.13
C ARG A 83 -9.81 3.81 3.65
N ILE A 84 -8.58 3.83 4.19
CA ILE A 84 -7.63 4.93 3.89
C ILE A 84 -6.33 4.23 3.55
N ILE A 85 -5.78 4.49 2.37
CA ILE A 85 -4.43 3.99 1.99
C ILE A 85 -3.56 5.10 1.44
N ALA A 86 -2.24 4.96 1.56
CA ALA A 86 -1.28 5.84 0.95
C ALA A 86 -0.36 5.03 0.06
N VAL A 87 -0.06 5.55 -1.14
CA VAL A 87 0.84 5.01 -2.04
C VAL A 87 1.88 6.00 -2.54
N LEU A 88 3.11 5.51 -2.61
CA LEU A 88 4.24 6.33 -2.95
C LEU A 88 5.24 5.46 -3.70
N VAL A 89 5.12 5.41 -5.04
CA VAL A 89 5.94 4.51 -5.82
C VAL A 89 7.00 5.34 -6.61
N PRO A 90 8.27 5.25 -6.24
CA PRO A 90 9.38 6.06 -6.86
C PRO A 90 9.70 5.60 -8.24
N ASN A 91 10.03 6.56 -9.11
CA ASN A 91 10.73 6.22 -10.39
C ASN A 91 12.24 6.09 -10.03
N VAL A 92 13.04 5.48 -10.88
CA VAL A 92 14.45 5.26 -10.64
C VAL A 92 15.28 6.17 -11.48
N GLU A 93 16.47 6.48 -10.97
CA GLU A 93 17.50 7.17 -11.63
C GLU A 93 17.91 6.40 -12.90
N ASP A 94 18.43 7.08 -13.89
CA ASP A 94 19.12 6.39 -15.03
C ASP A 94 20.52 5.89 -14.66
N ALA A 95 21.21 5.24 -15.61
CA ALA A 95 22.58 4.79 -15.40
C ALA A 95 23.56 5.90 -15.32
N GLN A 96 23.25 7.07 -15.79
CA GLN A 96 24.21 8.13 -15.57
C GLN A 96 24.00 8.81 -14.15
N GLY A 97 23.05 8.42 -13.39
CA GLY A 97 22.84 9.05 -12.11
C GLY A 97 21.73 10.20 -12.16
N ASN A 98 21.05 10.43 -13.33
CA ASN A 98 20.11 11.53 -13.45
C ASN A 98 18.86 11.18 -12.84
N PRO A 99 18.34 12.07 -12.00
CA PRO A 99 17.02 11.77 -11.48
C PRO A 99 15.92 11.56 -12.57
N PRO A 100 14.91 10.78 -12.30
CA PRO A 100 13.80 10.66 -13.26
C PRO A 100 13.01 12.00 -13.48
N LYS A 101 12.30 12.12 -14.59
CA LYS A 101 11.47 13.32 -14.95
C LYS A 101 10.44 13.55 -13.90
N GLU A 102 9.80 12.47 -13.47
CA GLU A 102 8.79 12.44 -12.40
C GLU A 102 9.39 11.63 -11.23
N ALA A 103 9.43 12.23 -10.06
CA ALA A 103 9.92 11.60 -8.89
C ALA A 103 9.21 10.32 -8.52
N TYR A 104 7.88 10.28 -8.76
CA TYR A 104 7.03 9.21 -8.45
C TYR A 104 6.12 8.79 -9.62
N SER A 105 5.91 7.53 -9.80
CA SER A 105 4.94 7.08 -10.83
C SER A 105 3.53 7.09 -10.24
N LEU A 106 3.42 7.02 -8.94
CA LEU A 106 2.19 7.26 -8.24
C LEU A 106 2.43 7.76 -6.78
N GLN A 107 1.70 8.75 -6.37
CA GLN A 107 1.82 9.43 -5.12
C GLN A 107 0.39 9.87 -4.74
N GLU A 108 -0.30 9.15 -3.79
CA GLU A 108 -1.70 9.48 -3.52
C GLU A 108 -2.08 9.03 -2.11
N VAL A 109 -2.87 9.85 -1.41
CA VAL A 109 -3.67 9.36 -0.27
C VAL A 109 -5.15 9.10 -0.77
N MET A 110 -5.62 7.87 -0.69
CA MET A 110 -6.87 7.46 -1.35
C MET A 110 -7.83 7.01 -0.26
N TYR A 111 -9.00 7.62 -0.27
CA TYR A 111 -10.12 7.29 0.59
C TYR A 111 -11.19 6.53 -0.17
N ASN A 112 -11.68 5.45 0.44
CA ASN A 112 -12.69 4.54 -0.08
C ASN A 112 -12.27 4.01 -1.46
N PRO A 113 -11.05 3.55 -1.59
CA PRO A 113 -10.62 3.09 -2.92
C PRO A 113 -11.27 1.76 -3.25
N LYS A 114 -11.53 1.49 -4.47
CA LYS A 114 -11.97 0.15 -4.92
C LYS A 114 -11.55 -0.20 -6.34
N VAL A 115 -11.38 -1.45 -6.62
CA VAL A 115 -11.13 -1.89 -8.00
C VAL A 115 -12.57 -2.07 -8.70
N VAL A 116 -12.85 -1.32 -9.72
CA VAL A 116 -14.11 -1.40 -10.46
C VAL A 116 -14.06 -2.22 -11.76
N SER A 117 -12.88 -2.49 -12.33
CA SER A 117 -12.74 -3.39 -13.46
C SER A 117 -11.28 -3.79 -13.52
N HIS A 118 -10.96 -4.84 -14.28
CA HIS A 118 -9.57 -5.31 -14.33
C HIS A 118 -9.39 -6.14 -15.60
N SER A 119 -8.17 -6.34 -15.96
CA SER A 119 -7.81 -7.26 -17.08
C SER A 119 -8.10 -8.71 -16.70
N VAL A 120 -8.33 -9.54 -17.69
CA VAL A 120 -8.32 -10.96 -17.55
C VAL A 120 -6.89 -11.42 -17.22
N GLN A 121 -5.88 -10.79 -17.82
CA GLN A 121 -4.52 -11.17 -17.51
C GLN A 121 -4.14 -10.93 -16.05
N ASP A 122 -3.37 -11.85 -15.51
CA ASP A 122 -2.80 -11.78 -14.19
C ASP A 122 -1.33 -11.35 -14.28
N ALA A 123 -0.82 -10.80 -13.17
CA ALA A 123 0.56 -10.51 -13.00
C ALA A 123 1.11 -10.79 -11.60
N ALA A 124 2.43 -10.88 -11.45
CA ALA A 124 3.09 -11.04 -10.15
C ALA A 124 4.43 -10.42 -10.26
N LEU A 125 4.91 -9.84 -9.19
CA LEU A 125 6.26 -9.46 -9.16
C LEU A 125 7.23 -10.64 -9.01
N SER A 126 8.23 -10.68 -9.88
CA SER A 126 9.21 -11.76 -9.88
C SER A 126 9.87 -11.97 -8.52
N ASP A 127 10.16 -10.91 -7.79
CA ASP A 127 10.71 -11.03 -6.44
C ASP A 127 9.77 -11.30 -5.29
N GLY A 128 8.48 -11.50 -5.58
CA GLY A 128 7.52 -11.68 -4.55
C GLY A 128 7.19 -10.35 -3.89
N GLU A 129 6.56 -10.44 -2.73
CA GLU A 129 6.12 -9.29 -2.01
C GLU A 129 6.56 -9.47 -0.57
N GLY A 130 6.85 -8.36 0.10
CA GLY A 130 7.02 -8.26 1.51
C GLY A 130 6.01 -7.30 2.11
N OCS A 131 5.84 -7.36 3.41
CA OCS A 131 4.87 -6.63 4.12
CB OCS A 131 3.62 -7.48 4.31
SG OCS A 131 2.15 -6.94 4.85
C OCS A 131 5.39 -6.09 5.44
O OCS A 131 5.92 -6.80 6.24
OD1 OCS A 131 1.36 -8.02 5.09
OD2 OCS A 131 2.08 -5.87 5.78
OD3 OCS A 131 1.58 -6.27 3.66
N LEU A 132 5.09 -4.83 5.72
CA LEU A 132 5.52 -4.24 7.01
C LEU A 132 4.97 -4.95 8.28
N SER A 133 3.84 -5.63 8.18
CA SER A 133 3.25 -6.28 9.32
C SER A 133 3.73 -7.79 9.45
N VAL A 134 4.50 -8.27 8.51
CA VAL A 134 4.93 -9.66 8.44
C VAL A 134 6.46 -9.80 8.58
N ASP A 135 6.88 -10.48 9.61
CA ASP A 135 8.30 -10.57 10.01
C ASP A 135 8.82 -11.99 9.77
N ARG A 136 8.53 -12.56 8.63
CA ARG A 136 8.81 -13.94 8.27
C ARG A 136 9.19 -13.82 6.85
N GLU A 137 9.92 -14.81 6.35
CA GLU A 137 10.25 -14.91 4.90
C GLU A 137 9.04 -15.66 4.31
N VAL A 138 8.49 -15.16 3.24
CA VAL A 138 7.34 -15.76 2.55
C VAL A 138 7.64 -15.77 1.02
N PRO A 139 8.01 -16.93 0.55
CA PRO A 139 8.35 -16.97 -0.87
C PRO A 139 7.11 -17.10 -1.76
N GLY A 140 7.21 -16.64 -3.01
CA GLY A 140 6.33 -17.13 -4.06
C GLY A 140 5.67 -15.97 -4.77
N TYR A 141 5.01 -16.29 -5.87
CA TYR A 141 4.43 -15.30 -6.71
C TYR A 141 3.04 -14.88 -6.14
N VAL A 142 2.90 -13.58 -5.87
CA VAL A 142 1.64 -13.06 -5.41
C VAL A 142 0.86 -12.66 -6.64
N VAL A 143 -0.07 -13.48 -6.97
CA VAL A 143 -0.83 -13.38 -8.27
C VAL A 143 -1.97 -12.38 -8.18
N ARG A 144 -1.84 -11.28 -8.93
CA ARG A 144 -2.81 -10.16 -8.88
C ARG A 144 -3.40 -9.95 -10.32
N HIS A 145 -4.28 -8.98 -10.44
CA HIS A 145 -4.66 -8.53 -11.79
C HIS A 145 -3.55 -7.76 -12.44
N ALA A 146 -3.31 -7.99 -13.76
CA ALA A 146 -2.32 -7.24 -14.46
C ALA A 146 -2.63 -5.73 -14.43
N ARG A 147 -3.86 -5.39 -14.84
CA ARG A 147 -4.29 -4.03 -15.01
C ARG A 147 -5.60 -3.87 -14.21
N VAL A 148 -5.80 -2.70 -13.60
CA VAL A 148 -6.99 -2.43 -12.85
C VAL A 148 -7.52 -1.04 -13.17
N THR A 149 -8.81 -0.88 -13.08
CA THR A 149 -9.41 0.49 -13.00
C THR A 149 -9.84 0.69 -11.58
N ILE A 150 -9.41 1.75 -10.96
CA ILE A 150 -9.85 2.03 -9.61
C ILE A 150 -10.67 3.30 -9.57
N GLU A 151 -11.53 3.42 -8.57
CA GLU A 151 -12.11 4.65 -8.09
C GLU A 151 -11.72 4.89 -6.69
N TYR A 152 -11.57 6.14 -6.38
CA TYR A 152 -11.29 6.56 -5.00
C TYR A 152 -11.60 8.00 -4.82
N PHE A 153 -11.60 8.44 -3.56
CA PHE A 153 -11.77 9.85 -3.20
C PHE A 153 -10.53 10.45 -2.68
N ASP A 154 -10.29 11.74 -2.94
CA ASP A 154 -9.18 12.39 -2.23
C ASP A 154 -9.73 13.04 -0.93
N LYS A 155 -8.83 13.62 -0.17
CA LYS A 155 -9.19 14.29 1.13
C LYS A 155 -10.19 15.41 1.00
N THR A 156 -10.37 15.98 -0.20
CA THR A 156 -11.42 16.98 -0.38
C THR A 156 -12.72 16.37 -0.73
N GLY A 157 -12.85 15.08 -0.88
CA GLY A 157 -14.11 14.55 -1.34
C GLY A 157 -14.21 14.37 -2.88
N GLU A 158 -13.25 14.85 -3.64
CA GLU A 158 -13.30 14.69 -5.13
C GLU A 158 -13.09 13.22 -5.53
N LYS A 159 -13.95 12.77 -6.43
CA LYS A 159 -13.91 11.37 -6.98
C LYS A 159 -12.91 11.27 -8.18
N HIS A 160 -11.99 10.32 -8.14
CA HIS A 160 -11.09 9.97 -9.22
C HIS A 160 -11.41 8.62 -9.80
N ARG A 161 -11.15 8.46 -11.09
CA ARG A 161 -11.25 7.09 -11.73
C ARG A 161 -9.97 6.98 -12.55
N LEU A 162 -9.25 5.90 -12.39
CA LEU A 162 -7.92 5.79 -12.90
C LEU A 162 -7.64 4.33 -13.31
N LYS A 163 -7.03 4.13 -14.46
CA LYS A 163 -6.53 2.85 -14.92
C LYS A 163 -5.01 2.74 -14.56
N LEU A 164 -4.61 1.62 -14.01
CA LEU A 164 -3.22 1.36 -13.68
C LEU A 164 -2.73 0.09 -14.32
N LYS A 165 -1.43 0.05 -14.50
CA LYS A 165 -0.73 -1.08 -14.92
C LYS A 165 0.63 -1.23 -14.21
N GLY A 166 1.36 -2.31 -14.57
CA GLY A 166 2.66 -2.55 -14.06
C GLY A 166 2.76 -2.63 -12.55
N TYR A 167 3.85 -2.04 -12.08
CA TYR A 167 4.12 -1.97 -10.66
C TYR A 167 3.08 -1.18 -9.84
N ASN A 168 2.61 -0.10 -10.41
CA ASN A 168 1.55 0.75 -9.81
C ASN A 168 0.26 -0.04 -9.49
N SER A 169 -0.14 -0.84 -10.47
CA SER A 169 -1.25 -1.79 -10.35
C SER A 169 -1.11 -2.73 -9.16
N ILE A 170 0.07 -3.33 -9.06
CA ILE A 170 0.42 -4.23 -8.03
C ILE A 170 0.36 -3.60 -6.68
N VAL A 171 0.94 -2.40 -6.55
CA VAL A 171 0.97 -1.73 -5.25
C VAL A 171 -0.45 -1.36 -4.70
N VAL A 172 -1.24 -0.70 -5.55
CA VAL A 172 -2.63 -0.39 -5.17
C VAL A 172 -3.48 -1.59 -4.78
N GLN A 173 -3.39 -2.67 -5.57
CA GLN A 173 -4.01 -3.95 -5.24
C GLN A 173 -3.65 -4.49 -3.82
N HIS A 174 -2.34 -4.43 -3.51
CA HIS A 174 -1.89 -4.81 -2.27
C HIS A 174 -2.53 -4.04 -1.14
N GLU A 175 -2.54 -2.73 -1.25
CA GLU A 175 -3.21 -1.84 -0.22
C GLU A 175 -4.71 -1.99 -0.10
N ILE A 176 -5.40 -2.11 -1.25
CA ILE A 176 -6.76 -2.36 -1.26
C ILE A 176 -7.10 -3.66 -0.48
N ASP A 177 -6.33 -4.73 -0.76
CA ASP A 177 -6.48 -5.95 -0.04
C ASP A 177 -6.46 -5.75 1.49
N HIS A 178 -5.57 -4.87 1.98
CA HIS A 178 -5.52 -4.65 3.41
C HIS A 178 -6.84 -4.10 4.00
N ILE A 179 -7.51 -3.26 3.24
CA ILE A 179 -8.75 -2.67 3.76
C ILE A 179 -9.95 -3.64 3.55
N ASP A 180 -9.72 -4.76 2.90
CA ASP A 180 -10.64 -5.88 2.86
C ASP A 180 -10.28 -7.04 3.73
N GLY A 181 -9.19 -6.95 4.49
CA GLY A 181 -8.83 -8.04 5.36
C GLY A 181 -8.02 -9.21 4.68
N ILE A 182 -7.46 -8.95 3.54
CA ILE A 182 -6.78 -9.97 2.74
C ILE A 182 -5.23 -9.69 2.87
N MET A 183 -4.45 -10.73 3.00
CA MET A 183 -2.99 -10.67 3.18
C MET A 183 -2.40 -11.15 1.89
N PHE A 184 -1.25 -10.65 1.56
CA PHE A 184 -0.59 -11.07 0.30
C PHE A 184 -0.42 -12.55 0.10
N TYR A 185 -0.12 -13.26 1.16
CA TYR A 185 0.09 -14.71 1.04
C TYR A 185 -1.13 -15.49 0.70
N ASP A 186 -2.29 -14.86 0.97
CA ASP A 186 -3.54 -15.44 0.52
C ASP A 186 -3.60 -15.72 -1.03
N ARG A 187 -2.84 -14.97 -1.80
CA ARG A 187 -2.75 -15.05 -3.24
C ARG A 187 -1.49 -15.82 -3.78
N ILE A 188 -0.78 -16.52 -2.93
CA ILE A 188 0.36 -17.37 -3.29
C ILE A 188 -0.23 -18.79 -3.39
N ASN A 189 0.11 -19.50 -4.47
CA ASN A 189 -0.37 -20.89 -4.70
C ASN A 189 0.05 -21.77 -3.48
N GLU A 190 -0.85 -22.59 -3.02
CA GLU A 190 -0.72 -23.38 -1.77
C GLU A 190 0.21 -24.55 -1.85
N LYS A 191 0.36 -25.09 -3.02
CA LYS A 191 1.15 -26.27 -3.22
C LYS A 191 2.52 -25.98 -3.87
N ASN A 192 2.68 -25.02 -4.81
CA ASN A 192 3.98 -24.65 -5.29
C ASN A 192 4.01 -23.14 -5.38
N PRO A 193 4.72 -22.48 -4.48
CA PRO A 193 4.63 -21.04 -4.46
C PRO A 193 5.03 -20.33 -5.77
N PHE A 194 5.87 -21.00 -6.55
CA PHE A 194 6.35 -20.51 -7.84
C PHE A 194 5.65 -21.08 -9.04
N ALA A 195 4.46 -21.61 -8.86
CA ALA A 195 3.75 -22.09 -10.00
C ALA A 195 3.45 -20.96 -10.98
N VAL A 196 3.49 -21.25 -12.25
CA VAL A 196 3.09 -20.23 -13.22
C VAL A 196 1.91 -20.73 -14.12
N LYS A 197 0.69 -20.20 -13.97
CA LYS A 197 -0.33 -20.51 -14.99
C LYS A 197 0.10 -19.76 -16.28
N GLU A 198 0.05 -20.47 -17.39
CA GLU A 198 0.34 -19.85 -18.69
C GLU A 198 -0.38 -18.48 -18.83
N GLY A 199 0.36 -17.50 -19.23
CA GLY A 199 -0.13 -16.19 -19.52
C GLY A 199 0.12 -15.18 -18.42
N LEU A 200 0.61 -15.62 -17.28
CA LEU A 200 0.99 -14.77 -16.18
C LEU A 200 2.07 -13.87 -16.56
N LEU A 201 1.86 -12.59 -16.31
CA LEU A 201 2.79 -11.53 -16.63
C LEU A 201 3.72 -11.44 -15.44
N ILE A 202 4.97 -11.87 -15.62
CA ILE A 202 5.91 -11.80 -14.50
C ILE A 202 6.67 -10.48 -14.57
N LEU A 203 6.55 -9.58 -13.57
CA LEU A 203 7.17 -8.29 -13.63
C LEU A 203 8.52 -8.18 -13.00
N GLU A 204 9.50 -7.63 -13.72
CA GLU A 204 10.98 -7.54 -13.24
C GLU A 204 11.26 -6.23 -12.58
C5 BB2 B . 4.39 -2.36 2.41
C3 BB2 B . 3.06 -2.79 2.95
O4 BB2 B . 3.00 -3.66 3.80
N1 BB2 B . 1.96 -2.20 2.49
O2 BB2 B . 0.71 -2.51 3.01
C6 BB2 B . 4.65 -3.09 1.10
C12 BB2 B . 6.08 -2.86 0.71
O13 BB2 B . 6.40 -1.74 0.40
C7 BB2 B . 3.79 -2.70 -0.08
C8 BB2 B . 4.23 -3.56 -1.28
C9 BB2 B . 3.29 -3.49 -2.40
C10 BB2 B . 3.47 -4.69 -3.32
C11 BB2 B . 4.72 -4.48 -4.07
N14 BB2 B . 6.85 -3.90 0.58
C15 BB2 B . 8.16 -3.93 -0.08
C16 BB2 B . 9.22 -4.41 0.88
C18 BB2 B . 8.85 -4.08 2.34
C17 BB2 B . 9.50 -5.88 0.70
C19 BB2 B . 8.04 -4.78 -1.35
O20 BB2 B . 7.38 -5.87 -1.39
N21 BB2 B . 8.61 -4.27 -2.47
C22 BB2 B . 8.49 -5.01 -3.76
C23 BB2 B . 9.29 -3.00 -2.62
C24 BB2 B . 9.93 -3.03 -3.99
C25 BB2 B . 9.12 -4.06 -4.78
C26 BB2 B . 9.18 -6.41 -3.69
O27 BB2 B . 9.38 -6.99 -5.00
C ACT C . -8.02 -7.60 -6.11
O ACT C . -9.08 -7.12 -6.58
OXT ACT C . -7.56 -8.74 -6.44
CH3 ACT C . -7.20 -6.74 -5.20
ZN ZN D . 1.00 -4.57 3.10
ZN ZN E . 10.02 14.58 7.42
ZN ZN F . -13.51 -9.26 -11.54
ZN ZN G . -1.04 -20.48 1.89
ZN ZN H . -9.85 -8.50 -7.90
ZN ZN I . 4.51 6.01 17.25
ZN ZN J . -4.14 19.13 6.16
ZN ZN K . -18.11 3.99 -11.07
#